data_2GTC
#
_entry.id   2GTC
#
_cell.length_a   117.065
_cell.length_b   54.609
_cell.length_c   96.354
_cell.angle_alpha   90.00
_cell.angle_beta   118.23
_cell.angle_gamma   90.00
#
_symmetry.space_group_name_H-M   'C 1 2 1'
#
loop_
_entity.id
_entity.type
_entity.pdbx_description
1 polymer 'UPF0145 protein BC_1816'
2 water water
#
_entity_poly.entity_id   1
_entity_poly.type   'polypeptide(L)'
_entity_poly.pdbx_seq_one_letter_code
;(MSE)IVTTTSGIQGKEIIEYIDIVNGEAI(MSE)GANIVRDLFASVRDVVGGRAGSYESKLKEARDIA(MSE)DE
(MSE)KELAKQKGANAIVGVDVDYEVVRDG(MSE)L(MSE)VAVSGTAVRILEHHHHHH
;
_entity_poly.pdbx_strand_id   A,B,C,D,E
#
# COMPACT_ATOMS: atom_id res chain seq x y z
N ILE A 2 -8.82 -20.26 -5.63
CA ILE A 2 -7.82 -19.32 -6.15
C ILE A 2 -7.78 -17.99 -5.38
N VAL A 3 -6.58 -17.65 -4.92
CA VAL A 3 -6.28 -16.35 -4.32
C VAL A 3 -5.11 -15.71 -5.05
N THR A 4 -5.23 -14.43 -5.38
CA THR A 4 -4.21 -13.73 -6.16
C THR A 4 -4.06 -12.24 -5.87
N THR A 5 -2.81 -11.79 -5.79
CA THR A 5 -2.45 -10.38 -5.65
C THR A 5 -2.49 -9.63 -6.98
N THR A 6 -2.67 -10.36 -8.08
CA THR A 6 -2.89 -9.72 -9.38
C THR A 6 -4.32 -9.21 -9.46
N SER A 7 -4.57 -8.27 -10.37
CA SER A 7 -5.89 -7.64 -10.46
C SER A 7 -6.94 -8.52 -11.12
N GLY A 8 -6.51 -9.59 -11.77
CA GLY A 8 -7.45 -10.54 -12.36
C GLY A 8 -6.89 -11.95 -12.48
N ILE A 9 -7.66 -12.81 -13.15
CA ILE A 9 -7.26 -14.19 -13.44
C ILE A 9 -7.30 -14.43 -14.95
N GLN A 10 -6.15 -14.81 -15.52
CA GLN A 10 -5.99 -14.91 -16.98
C GLN A 10 -6.75 -16.06 -17.60
N GLY A 11 -7.46 -15.76 -18.69
CA GLY A 11 -8.27 -16.76 -19.39
C GLY A 11 -9.59 -17.14 -18.73
N LYS A 12 -9.86 -16.59 -17.54
CA LYS A 12 -11.10 -16.89 -16.83
C LYS A 12 -11.87 -15.62 -16.46
N GLU A 13 -12.83 -15.27 -17.31
CA GLU A 13 -13.67 -14.09 -17.16
C GLU A 13 -14.44 -14.08 -15.84
N ILE A 14 -14.54 -12.91 -15.22
CA ILE A 14 -15.28 -12.76 -13.97
C ILE A 14 -16.78 -12.65 -14.25
N ILE A 15 -17.55 -13.60 -13.74
CA ILE A 15 -19.01 -13.59 -13.89
C ILE A 15 -19.66 -12.53 -12.98
N GLU A 16 -19.22 -12.48 -11.73
CA GLU A 16 -19.78 -11.60 -10.72
C GLU A 16 -18.71 -11.07 -9.74
N TYR A 17 -18.81 -9.79 -9.40
CA TYR A 17 -18.04 -9.18 -8.33
C TYR A 17 -18.93 -9.14 -7.11
N ILE A 18 -18.67 -10.04 -6.16
CA ILE A 18 -19.57 -10.30 -5.04
C ILE A 18 -19.35 -9.27 -3.91
N ASP A 19 -18.13 -9.21 -3.37
CA ASP A 19 -17.86 -8.32 -2.25
C ASP A 19 -16.36 -8.21 -2.04
N ILE A 20 -15.94 -7.10 -1.45
CA ILE A 20 -14.59 -7.01 -0.91
C ILE A 20 -14.58 -7.77 0.41
N VAL A 21 -13.68 -8.76 0.49
CA VAL A 21 -13.55 -9.56 1.70
C VAL A 21 -12.23 -9.25 2.42
N ASN A 22 -12.15 -9.66 3.69
CA ASN A 22 -11.10 -9.24 4.61
C ASN A 22 -10.82 -10.34 5.62
N GLY A 23 -9.54 -10.48 5.98
CA GLY A 23 -9.15 -11.39 7.07
C GLY A 23 -8.07 -10.75 7.92
N GLU A 24 -8.06 -11.06 9.23
CA GLU A 24 -6.96 -10.67 10.14
C GLU A 24 -6.56 -11.79 11.07
N ALA A 25 -5.38 -11.63 11.66
CA ALA A 25 -4.91 -12.39 12.81
C ALA A 25 -3.98 -11.49 13.61
N ILE A 26 -3.96 -11.69 14.92
CA ILE A 26 -3.15 -10.85 15.80
C ILE A 26 -2.24 -11.67 16.72
N GLY A 28 0.12 -11.47 20.15
CA GLY A 28 0.21 -10.73 21.42
C GLY A 28 1.53 -10.02 21.59
N ALA A 29 1.56 -9.06 22.53
CA ALA A 29 2.76 -8.30 22.86
C ALA A 29 3.92 -9.24 23.22
N ASN A 30 3.60 -10.24 24.05
CA ASN A 30 4.52 -11.31 24.44
C ASN A 30 5.22 -11.92 23.23
N ILE A 31 4.43 -12.32 22.23
CA ILE A 31 4.89 -12.99 21.01
C ILE A 31 5.86 -12.16 20.17
N VAL A 32 5.49 -10.91 19.90
CA VAL A 32 6.35 -9.98 19.17
C VAL A 32 7.72 -9.87 19.88
N ARG A 33 7.67 -9.56 21.17
CA ARG A 33 8.87 -9.44 22.00
C ARG A 33 9.79 -10.67 21.89
N ASP A 34 9.26 -11.86 22.17
CA ASP A 34 10.06 -13.08 22.26
C ASP A 34 10.75 -13.53 20.95
N LEU A 35 10.25 -13.07 19.82
CA LEU A 35 10.77 -13.50 18.52
C LEU A 35 11.42 -12.38 17.71
N PHE A 36 11.01 -11.14 17.96
CA PHE A 36 11.63 -9.99 17.29
C PHE A 36 12.73 -9.35 18.14
N ALA A 37 12.52 -9.27 19.45
CA ALA A 37 13.46 -8.61 20.36
C ALA A 37 14.89 -9.16 20.25
N SER A 38 14.99 -10.45 19.94
CA SER A 38 16.26 -11.16 19.86
C SER A 38 17.10 -10.83 18.61
N VAL A 39 16.46 -10.28 17.58
CA VAL A 39 17.14 -10.00 16.31
C VAL A 39 18.18 -8.88 16.46
N ARG A 40 19.40 -9.13 15.95
CA ARG A 40 20.54 -8.24 16.14
C ARG A 40 21.00 -7.42 14.91
N ASP A 41 21.17 -8.12 13.78
CA ASP A 41 21.71 -7.54 12.55
C ASP A 41 20.60 -7.68 11.50
N VAL A 42 20.82 -8.54 10.49
CA VAL A 42 19.79 -8.92 9.54
C VAL A 42 19.49 -10.42 9.65
N VAL A 43 18.23 -10.74 9.89
CA VAL A 43 17.79 -12.12 10.01
C VAL A 43 16.60 -12.33 9.06
N GLY A 44 16.76 -13.24 8.11
CA GLY A 44 15.71 -13.57 7.16
C GLY A 44 14.64 -14.53 7.67
N GLY A 45 13.68 -14.80 6.79
CA GLY A 45 12.53 -15.65 7.09
C GLY A 45 12.82 -17.13 7.26
N ARG A 46 13.51 -17.73 6.29
CA ARG A 46 13.93 -19.14 6.40
C ARG A 46 14.66 -19.41 7.74
N ALA A 47 15.70 -18.62 8.02
CA ALA A 47 16.54 -18.81 9.21
C ALA A 47 15.92 -18.33 10.53
N GLY A 48 15.11 -17.26 10.46
CA GLY A 48 14.57 -16.60 11.65
C GLY A 48 13.48 -17.38 12.36
N SER A 49 13.57 -17.39 13.69
CA SER A 49 12.63 -18.13 14.53
C SER A 49 11.26 -17.46 14.59
N TYR A 50 11.23 -16.17 14.26
CA TYR A 50 10.01 -15.37 14.21
C TYR A 50 9.06 -15.78 13.08
N GLU A 51 9.62 -16.42 12.05
CA GLU A 51 8.92 -16.62 10.79
C GLU A 51 7.71 -17.55 10.85
N SER A 52 7.75 -18.52 11.77
CA SER A 52 6.71 -19.54 11.82
C SER A 52 5.43 -19.02 12.46
N LYS A 53 5.57 -18.18 13.49
CA LYS A 53 4.42 -17.54 14.12
C LYS A 53 3.80 -16.47 13.21
N LEU A 54 4.64 -15.71 12.53
CA LEU A 54 4.19 -14.70 11.57
C LEU A 54 3.44 -15.33 10.40
N LYS A 55 4.02 -16.38 9.82
CA LYS A 55 3.40 -17.11 8.73
C LYS A 55 2.09 -17.76 9.17
N GLU A 56 2.04 -18.20 10.42
CA GLU A 56 0.83 -18.73 11.03
C GLU A 56 -0.26 -17.67 11.21
N ALA A 57 0.12 -16.48 11.67
CA ALA A 57 -0.79 -15.33 11.74
C ALA A 57 -1.35 -14.94 10.36
N ARG A 58 -0.47 -14.92 9.35
CA ARG A 58 -0.85 -14.61 7.97
C ARG A 58 -1.77 -15.67 7.36
N ASP A 59 -1.46 -16.93 7.61
CA ASP A 59 -2.23 -18.04 7.09
C ASP A 59 -3.62 -18.11 7.71
N ILE A 60 -3.72 -17.71 8.98
CA ILE A 60 -5.01 -17.59 9.66
C ILE A 60 -5.88 -16.46 9.06
N ALA A 61 -5.27 -15.30 8.80
CA ALA A 61 -5.96 -14.19 8.12
C ALA A 61 -6.47 -14.59 6.74
N ASP A 63 -7.07 -17.73 5.61
CA ASP A 63 -8.11 -18.78 5.77
C ASP A 63 -9.48 -18.21 6.11
N GLU A 64 -9.47 -17.15 6.91
CA GLU A 64 -10.66 -16.48 7.36
C GLU A 64 -11.25 -15.64 6.21
N LYS A 66 -10.72 -16.44 2.89
CA LYS A 66 -11.18 -17.48 1.98
C LYS A 66 -12.51 -18.06 2.41
N GLU A 67 -12.66 -18.31 3.72
CA GLU A 67 -13.89 -18.83 4.32
C GLU A 67 -15.08 -17.87 4.19
N LEU A 68 -14.83 -16.57 4.34
CA LEU A 68 -15.87 -15.58 4.12
C LEU A 68 -16.28 -15.52 2.65
N ALA A 69 -15.30 -15.54 1.75
CA ALA A 69 -15.54 -15.55 0.31
C ALA A 69 -16.46 -16.71 -0.07
N LYS A 70 -16.09 -17.92 0.36
CA LYS A 70 -16.84 -19.15 0.16
C LYS A 70 -18.30 -19.03 0.65
N GLN A 71 -18.48 -18.42 1.82
CA GLN A 71 -19.81 -18.19 2.38
C GLN A 71 -20.66 -17.24 1.54
N LYS A 72 -19.99 -16.39 0.74
CA LYS A 72 -20.64 -15.43 -0.13
C LYS A 72 -20.87 -15.94 -1.56
N GLY A 73 -20.47 -17.18 -1.81
CA GLY A 73 -20.69 -17.83 -3.11
C GLY A 73 -19.56 -17.68 -4.11
N ALA A 74 -18.45 -17.12 -3.64
CA ALA A 74 -17.26 -16.89 -4.47
C ALA A 74 -16.47 -18.17 -4.65
N ASN A 75 -15.72 -18.23 -5.75
CA ASN A 75 -14.76 -19.31 -5.97
C ASN A 75 -13.34 -18.76 -6.31
N ALA A 76 -13.17 -17.45 -6.17
CA ALA A 76 -11.85 -16.84 -6.30
C ALA A 76 -11.79 -15.54 -5.52
N ILE A 77 -10.58 -15.16 -5.07
CA ILE A 77 -10.31 -13.80 -4.59
C ILE A 77 -9.16 -13.16 -5.39
N VAL A 78 -9.41 -11.95 -5.87
CA VAL A 78 -8.47 -11.21 -6.71
C VAL A 78 -8.10 -9.88 -6.04
N GLY A 79 -6.97 -9.31 -6.45
CA GLY A 79 -6.43 -8.08 -5.88
C GLY A 79 -6.08 -8.18 -4.40
N VAL A 80 -5.55 -9.32 -3.97
CA VAL A 80 -5.20 -9.49 -2.53
C VAL A 80 -4.05 -8.60 -2.05
N ASP A 81 -4.31 -7.88 -0.96
CA ASP A 81 -3.34 -7.04 -0.28
C ASP A 81 -3.05 -7.67 1.08
N VAL A 82 -1.78 -7.70 1.47
CA VAL A 82 -1.39 -8.13 2.80
C VAL A 82 -0.83 -6.93 3.57
N ASP A 83 -1.42 -6.64 4.74
CA ASP A 83 -1.00 -5.51 5.56
C ASP A 83 -0.45 -5.98 6.92
N TYR A 84 0.53 -5.24 7.43
CA TYR A 84 1.03 -5.42 8.80
C TYR A 84 0.82 -4.13 9.57
N GLU A 85 0.16 -4.22 10.72
CA GLU A 85 -0.09 -3.05 11.57
C GLU A 85 0.23 -3.36 13.04
N VAL A 86 1.12 -2.55 13.62
CA VAL A 86 1.38 -2.57 15.06
C VAL A 86 0.19 -1.89 15.71
N VAL A 87 -0.70 -2.69 16.29
CA VAL A 87 -2.05 -2.25 16.67
C VAL A 87 -2.12 -1.61 18.07
N ARG A 88 -1.74 -2.35 19.10
CA ARG A 88 -1.44 -1.73 20.40
C ARG A 88 0.06 -1.51 20.41
N ASP A 89 0.58 -0.92 21.48
CA ASP A 89 2.02 -0.81 21.70
C ASP A 89 2.77 -2.06 21.22
N GLY A 90 2.53 -3.18 21.90
CA GLY A 90 3.29 -4.41 21.69
C GLY A 90 2.91 -5.31 20.52
N LEU A 92 1.35 -7.05 16.92
CA LEU A 92 1.32 -6.97 15.46
C LEU A 92 0.05 -7.61 14.91
N VAL A 94 -1.78 -8.76 11.27
CA VAL A 94 -1.70 -8.97 9.84
C VAL A 94 -3.13 -8.97 9.27
N ALA A 95 -3.39 -8.05 8.34
CA ALA A 95 -4.69 -7.91 7.72
C ALA A 95 -4.54 -8.19 6.23
N VAL A 96 -5.47 -8.95 5.68
CA VAL A 96 -5.52 -9.22 4.25
C VAL A 96 -6.84 -8.71 3.66
N SER A 97 -6.80 -8.28 2.40
CA SER A 97 -8.00 -7.82 1.71
C SER A 97 -7.93 -8.26 0.26
N GLY A 98 -9.09 -8.26 -0.41
CA GLY A 98 -9.23 -8.66 -1.79
C GLY A 98 -10.68 -8.54 -2.17
N THR A 99 -10.98 -8.79 -3.45
CA THR A 99 -12.37 -8.88 -3.95
C THR A 99 -12.79 -10.33 -4.16
N ALA A 100 -13.81 -10.76 -3.42
CA ALA A 100 -14.40 -12.07 -3.64
C ALA A 100 -15.13 -12.06 -5.00
N VAL A 101 -14.83 -13.07 -5.82
CA VAL A 101 -15.27 -13.06 -7.20
C VAL A 101 -15.84 -14.42 -7.61
N ARG A 102 -16.61 -14.44 -8.68
CA ARG A 102 -17.07 -15.70 -9.27
C ARG A 102 -16.53 -15.85 -10.69
N ILE A 103 -15.72 -16.88 -10.94
CA ILE A 103 -15.24 -17.21 -12.30
C ILE A 103 -15.82 -18.52 -12.82
N ILE B 2 -9.32 14.25 -15.71
CA ILE B 2 -9.64 12.93 -15.20
C ILE B 2 -8.54 12.40 -14.28
N VAL B 3 -8.94 12.05 -13.05
CA VAL B 3 -8.07 11.40 -12.08
C VAL B 3 -8.66 10.02 -11.72
N THR B 4 -7.84 8.99 -11.72
CA THR B 4 -8.32 7.65 -11.46
C THR B 4 -7.30 6.73 -10.77
N THR B 5 -7.80 5.89 -9.86
CA THR B 5 -6.98 4.91 -9.15
C THR B 5 -6.85 3.62 -9.95
N THR B 6 -7.50 3.58 -11.12
CA THR B 6 -7.33 2.51 -12.10
C THR B 6 -6.09 2.78 -12.95
N SER B 7 -5.62 1.80 -13.72
CA SER B 7 -4.40 1.99 -14.53
C SER B 7 -4.65 2.54 -15.91
N GLY B 8 -5.93 2.67 -16.26
CA GLY B 8 -6.31 3.19 -17.56
C GLY B 8 -7.63 3.94 -17.51
N ILE B 9 -7.97 4.52 -18.66
CA ILE B 9 -9.23 5.22 -18.88
C ILE B 9 -9.95 4.51 -20.03
N GLN B 10 -10.91 3.66 -19.69
CA GLN B 10 -11.60 2.83 -20.69
C GLN B 10 -12.05 3.59 -21.92
N GLY B 11 -11.78 3.01 -23.09
CA GLY B 11 -12.12 3.63 -24.36
C GLY B 11 -11.11 4.66 -24.86
N LYS B 12 -10.34 5.25 -23.94
CA LYS B 12 -9.27 6.19 -24.30
C LYS B 12 -7.90 5.51 -24.32
N GLU B 13 -7.05 5.93 -25.24
CA GLU B 13 -5.68 5.41 -25.28
C GLU B 13 -4.68 6.44 -24.80
N ILE B 14 -3.67 5.96 -24.09
CA ILE B 14 -2.60 6.80 -23.59
C ILE B 14 -1.52 6.96 -24.67
N ILE B 15 -1.26 8.21 -25.04
CA ILE B 15 -0.30 8.52 -26.09
C ILE B 15 1.07 8.88 -25.47
N GLU B 16 1.05 9.26 -24.20
CA GLU B 16 2.24 9.74 -23.51
C GLU B 16 2.17 9.49 -21.99
N TYR B 17 3.22 8.86 -21.45
CA TYR B 17 3.38 8.73 -19.99
C TYR B 17 4.38 9.77 -19.53
N ILE B 18 3.89 10.92 -19.09
CA ILE B 18 4.71 12.13 -18.93
C ILE B 18 5.64 12.12 -17.71
N ASP B 19 5.08 11.79 -16.54
CA ASP B 19 5.83 11.72 -15.29
C ASP B 19 4.97 11.14 -14.18
N ILE B 20 5.61 10.59 -13.16
CA ILE B 20 4.96 10.36 -11.88
C ILE B 20 4.82 11.71 -11.18
N VAL B 21 3.64 11.96 -10.59
CA VAL B 21 3.35 13.23 -9.93
C VAL B 21 2.87 12.99 -8.51
N ASN B 22 3.04 13.97 -7.65
CA ASN B 22 2.67 13.83 -6.24
C ASN B 22 2.02 15.09 -5.69
N GLY B 23 1.30 14.95 -4.58
CA GLY B 23 0.78 16.08 -3.83
C GLY B 23 0.70 15.67 -2.37
N GLU B 24 0.86 16.64 -1.47
CA GLU B 24 0.74 16.40 -0.04
C GLU B 24 0.07 17.59 0.63
N ALA B 25 -0.38 17.36 1.86
CA ALA B 25 -0.83 18.40 2.77
C ALA B 25 -0.70 17.85 4.17
N ILE B 26 -0.36 18.72 5.13
CA ILE B 26 -0.10 18.31 6.50
C ILE B 26 -1.10 18.89 7.50
N GLY B 28 -1.48 19.73 11.33
CA GLY B 28 -0.74 20.01 12.57
C GLY B 28 -1.14 19.19 13.78
N ALA B 29 -0.27 19.19 14.78
CA ALA B 29 -0.42 18.37 15.98
C ALA B 29 -1.64 18.71 16.83
N ASN B 30 -1.98 19.99 16.89
CA ASN B 30 -3.13 20.45 17.69
C ASN B 30 -4.47 20.02 17.09
N ILE B 31 -4.59 20.14 15.77
CA ILE B 31 -5.81 19.75 15.04
C ILE B 31 -6.10 18.25 15.19
N VAL B 32 -5.06 17.45 14.98
CA VAL B 32 -5.18 16.00 15.08
C VAL B 32 -5.27 15.52 16.54
N ARG B 33 -4.80 16.36 17.47
CA ARG B 33 -4.78 16.04 18.89
C ARG B 33 -6.18 15.94 19.48
N ASP B 34 -7.10 16.77 18.97
CA ASP B 34 -8.43 16.91 19.55
C ASP B 34 -9.56 16.30 18.72
N LEU B 35 -9.53 16.49 17.40
CA LEU B 35 -10.57 15.98 16.52
C LEU B 35 -10.59 14.45 16.49
N PHE B 36 -9.41 13.85 16.69
CA PHE B 36 -9.29 12.40 16.75
C PHE B 36 -9.44 11.85 18.18
N ALA B 37 -8.91 12.56 19.17
CA ALA B 37 -9.07 12.18 20.58
C ALA B 37 -10.53 12.24 21.08
N SER B 38 -11.34 13.08 20.44
CA SER B 38 -12.79 13.14 20.67
C SER B 38 -13.52 11.82 20.37
N VAL B 39 -12.94 10.97 19.52
CA VAL B 39 -13.53 9.70 19.11
C VAL B 39 -13.53 8.71 20.28
N ARG B 40 -14.67 8.06 20.53
CA ARG B 40 -14.80 7.16 21.67
C ARG B 40 -15.33 5.77 21.33
N ASP B 41 -16.15 5.67 20.30
CA ASP B 41 -16.58 4.37 19.84
C ASP B 41 -16.00 4.14 18.44
N VAL B 42 -16.79 3.61 17.53
CA VAL B 42 -16.39 3.54 16.14
C VAL B 42 -17.16 4.66 15.45
N VAL B 43 -16.45 5.73 15.09
CA VAL B 43 -17.06 6.91 14.48
C VAL B 43 -16.65 7.09 13.01
N GLY B 44 -17.66 7.09 12.14
CA GLY B 44 -17.47 7.28 10.71
C GLY B 44 -17.26 8.72 10.30
N GLY B 45 -17.02 8.90 9.00
CA GLY B 45 -16.65 10.20 8.45
C GLY B 45 -17.74 11.24 8.33
N ARG B 46 -18.94 10.83 7.93
CA ARG B 46 -20.10 11.74 7.98
C ARG B 46 -20.29 12.28 9.40
N ALA B 47 -20.40 11.39 10.37
CA ALA B 47 -20.75 11.75 11.74
C ALA B 47 -19.65 12.51 12.50
N GLY B 48 -18.42 12.05 12.37
CA GLY B 48 -17.29 12.60 13.11
C GLY B 48 -16.93 14.01 12.69
N SER B 49 -16.21 14.71 13.55
CA SER B 49 -15.81 16.08 13.25
C SER B 49 -14.43 16.14 12.60
N TYR B 50 -13.77 14.99 12.49
CA TYR B 50 -12.41 14.89 11.96
C TYR B 50 -12.31 14.88 10.43
N GLU B 51 -13.45 14.68 9.76
CA GLU B 51 -13.46 14.39 8.33
C GLU B 51 -13.24 15.60 7.44
N SER B 52 -13.85 16.73 7.78
CA SER B 52 -13.73 17.93 6.95
C SER B 52 -12.30 18.47 6.91
N LYS B 53 -11.57 18.33 8.02
CA LYS B 53 -10.16 18.70 8.06
C LYS B 53 -9.31 17.71 7.28
N LEU B 54 -9.57 16.42 7.49
CA LEU B 54 -8.91 15.35 6.75
C LEU B 54 -9.18 15.49 5.24
N LYS B 55 -10.44 15.73 4.89
CA LYS B 55 -10.85 15.92 3.51
C LYS B 55 -10.23 17.18 2.91
N GLU B 56 -10.13 18.23 3.71
CA GLU B 56 -9.48 19.48 3.29
C GLU B 56 -8.02 19.26 2.91
N ALA B 57 -7.27 18.59 3.78
CA ALA B 57 -5.87 18.23 3.52
C ALA B 57 -5.71 17.29 2.31
N ARG B 58 -6.65 16.37 2.15
CA ARG B 58 -6.66 15.45 1.02
C ARG B 58 -6.91 16.16 -0.31
N ASP B 59 -7.81 17.14 -0.31
CA ASP B 59 -8.14 17.94 -1.50
C ASP B 59 -7.05 18.91 -1.90
N ILE B 60 -6.36 19.46 -0.89
CA ILE B 60 -5.15 20.26 -1.11
C ILE B 60 -4.07 19.41 -1.80
N ALA B 61 -3.82 18.21 -1.27
CA ALA B 61 -2.87 17.26 -1.85
C ALA B 61 -3.28 16.84 -3.27
N ASP B 63 -5.23 18.55 -5.46
CA ASP B 63 -5.13 19.69 -6.39
C ASP B 63 -3.69 20.11 -6.68
N GLU B 64 -2.78 19.83 -5.75
CA GLU B 64 -1.36 20.10 -5.96
C GLU B 64 -0.85 19.19 -7.06
N LYS B 66 -2.79 17.66 -9.27
CA LYS B 66 -3.55 18.03 -10.47
C LYS B 66 -2.88 19.21 -11.19
N GLU B 67 -2.57 20.25 -10.42
CA GLU B 67 -1.94 21.46 -10.93
C GLU B 67 -0.58 21.12 -11.52
N LEU B 68 0.19 20.30 -10.80
CA LEU B 68 1.49 19.87 -11.27
C LEU B 68 1.37 19.08 -12.58
N ALA B 69 0.41 18.15 -12.63
CA ALA B 69 0.17 17.35 -13.83
C ALA B 69 -0.23 18.20 -15.03
N LYS B 70 -1.15 19.14 -14.80
CA LYS B 70 -1.61 20.08 -15.84
C LYS B 70 -0.47 20.97 -16.36
N GLN B 71 0.35 21.49 -15.45
CA GLN B 71 1.48 22.35 -15.82
C GLN B 71 2.62 21.60 -16.51
N LYS B 72 2.50 20.27 -16.58
CA LYS B 72 3.40 19.42 -17.37
C LYS B 72 2.78 19.09 -18.72
N GLY B 73 1.53 19.53 -18.91
CA GLY B 73 0.81 19.34 -20.18
C GLY B 73 0.19 17.96 -20.31
N ALA B 74 -0.29 17.44 -19.19
CA ALA B 74 -1.04 16.20 -19.15
C ALA B 74 -2.53 16.53 -19.11
N ASN B 75 -3.37 15.61 -19.59
CA ASN B 75 -4.80 15.77 -19.47
C ASN B 75 -5.49 14.62 -18.69
N ALA B 76 -4.68 13.86 -17.95
CA ALA B 76 -5.19 12.80 -17.06
C ALA B 76 -4.12 12.34 -16.07
N ILE B 77 -4.56 11.90 -14.89
CA ILE B 77 -3.70 11.18 -13.96
C ILE B 77 -4.28 9.78 -13.73
N VAL B 78 -3.49 8.74 -14.03
CA VAL B 78 -3.92 7.36 -13.78
C VAL B 78 -3.08 6.75 -12.66
N GLY B 79 -3.52 5.60 -12.13
CA GLY B 79 -2.80 4.87 -11.08
C GLY B 79 -2.66 5.64 -9.77
N VAL B 80 -3.59 6.58 -9.51
CA VAL B 80 -3.52 7.41 -8.31
C VAL B 80 -3.54 6.59 -7.01
N ASP B 81 -2.64 6.97 -6.11
CA ASP B 81 -2.49 6.38 -4.80
C ASP B 81 -2.74 7.44 -3.72
N VAL B 82 -3.51 7.09 -2.69
CA VAL B 82 -3.76 7.96 -1.51
C VAL B 82 -3.15 7.35 -0.25
N ASP B 83 -2.18 8.02 0.36
CA ASP B 83 -1.52 7.49 1.56
C ASP B 83 -1.59 8.44 2.76
N TYR B 84 -1.68 7.86 3.95
CA TYR B 84 -1.72 8.63 5.18
C TYR B 84 -0.49 8.28 6.03
N GLU B 85 0.17 9.31 6.55
CA GLU B 85 1.33 9.08 7.40
C GLU B 85 1.26 9.94 8.66
N VAL B 86 1.35 9.27 9.81
CA VAL B 86 1.45 9.99 11.08
C VAL B 86 2.92 10.08 11.49
N VAL B 87 3.50 11.26 11.30
CA VAL B 87 4.95 11.47 11.47
C VAL B 87 5.43 11.30 12.94
N ARG B 88 5.35 12.36 13.75
CA ARG B 88 5.66 12.22 15.18
C ARG B 88 4.40 12.09 16.03
N ASP B 89 3.56 11.11 15.67
CA ASP B 89 2.27 10.82 16.36
C ASP B 89 1.19 11.90 16.26
N GLY B 90 1.60 13.11 15.89
CA GLY B 90 0.67 14.22 15.72
C GLY B 90 0.50 14.63 14.28
N LEU B 92 -0.27 14.22 11.01
CA LEU B 92 -0.88 13.33 10.03
C LEU B 92 -0.77 13.97 8.64
N VAL B 94 -1.26 13.48 4.46
CA VAL B 94 -1.89 12.74 3.38
C VAL B 94 -1.10 13.01 2.11
N ALA B 95 -0.58 11.93 1.52
CA ALA B 95 0.20 12.02 0.30
C ALA B 95 -0.52 11.33 -0.84
N VAL B 96 -0.53 11.96 -2.00
CA VAL B 96 -1.11 11.37 -3.21
C VAL B 96 -0.04 11.25 -4.32
N SER B 97 -0.14 10.22 -5.13
CA SER B 97 0.78 10.04 -6.25
C SER B 97 0.01 9.42 -7.39
N GLY B 98 0.63 9.39 -8.58
CA GLY B 98 -0.02 8.86 -9.76
C GLY B 98 0.80 9.19 -10.98
N THR B 99 0.35 8.72 -12.14
CA THR B 99 1.05 9.00 -13.40
C THR B 99 0.31 10.02 -14.27
N ALA B 100 0.95 11.18 -14.45
CA ALA B 100 0.50 12.21 -15.38
C ALA B 100 0.65 11.69 -16.80
N VAL B 101 -0.40 11.90 -17.59
CA VAL B 101 -0.61 11.14 -18.81
C VAL B 101 -1.31 12.02 -19.87
N ARG B 102 -1.06 11.72 -21.14
CA ARG B 102 -1.80 12.32 -22.26
C ARG B 102 -2.65 11.24 -22.92
N ILE B 103 -3.95 11.51 -23.02
CA ILE B 103 -4.93 10.57 -23.58
C ILE B 103 -5.56 11.11 -24.88
N ILE C 2 -21.59 -2.27 -7.33
CA ILE C 2 -20.35 -3.03 -7.43
C ILE C 2 -19.18 -2.22 -6.92
N VAL C 3 -18.46 -2.79 -5.95
CA VAL C 3 -17.19 -2.23 -5.47
C VAL C 3 -16.09 -3.29 -5.67
N THR C 4 -14.97 -2.87 -6.24
CA THR C 4 -13.94 -3.83 -6.60
C THR C 4 -12.54 -3.22 -6.56
N THR C 5 -11.54 -4.05 -6.24
CA THR C 5 -10.14 -3.65 -6.36
C THR C 5 -9.73 -3.53 -7.85
N THR C 6 -10.37 -4.29 -8.71
CA THR C 6 -10.04 -4.29 -10.14
C THR C 6 -10.28 -2.92 -10.80
N SER C 7 -9.69 -2.74 -11.98
CA SER C 7 -9.76 -1.47 -12.70
C SER C 7 -10.97 -1.46 -13.66
N GLY C 8 -11.54 -2.62 -13.92
CA GLY C 8 -12.69 -2.72 -14.79
C GLY C 8 -13.70 -3.70 -14.28
N ILE C 9 -14.93 -3.58 -14.76
CA ILE C 9 -15.99 -4.54 -14.49
C ILE C 9 -16.31 -5.30 -15.79
N GLN C 10 -15.96 -6.58 -15.81
CA GLN C 10 -15.98 -7.38 -17.03
C GLN C 10 -17.37 -7.43 -17.66
N GLY C 11 -17.43 -7.04 -18.94
CA GLY C 11 -18.69 -7.03 -19.69
C GLY C 11 -19.52 -5.80 -19.38
N LYS C 12 -18.89 -4.86 -18.67
CA LYS C 12 -19.50 -3.57 -18.41
C LYS C 12 -18.56 -2.48 -18.85
N GLU C 13 -19.13 -1.44 -19.42
CA GLU C 13 -18.39 -0.38 -20.05
C GLU C 13 -18.43 0.82 -19.12
N ILE C 14 -17.26 1.35 -18.78
CA ILE C 14 -17.17 2.57 -17.98
C ILE C 14 -17.34 3.73 -18.94
N ILE C 15 -18.41 4.49 -18.75
CA ILE C 15 -18.69 5.64 -19.62
C ILE C 15 -18.30 6.98 -19.00
N GLU C 16 -17.99 6.99 -17.71
CA GLU C 16 -17.45 8.19 -17.07
C GLU C 16 -16.65 7.84 -15.82
N TYR C 17 -15.48 8.45 -15.70
CA TYR C 17 -14.69 8.39 -14.46
C TYR C 17 -15.05 9.62 -13.66
N ILE C 18 -15.92 9.46 -12.66
CA ILE C 18 -16.50 10.64 -12.00
C ILE C 18 -15.51 11.30 -11.02
N ASP C 19 -15.10 10.56 -9.98
CA ASP C 19 -14.16 11.10 -9.00
C ASP C 19 -13.59 9.98 -8.14
N ILE C 20 -12.38 10.19 -7.65
CA ILE C 20 -11.84 9.39 -6.57
C ILE C 20 -12.66 9.62 -5.30
N VAL C 21 -13.14 8.55 -4.69
CA VAL C 21 -13.92 8.67 -3.46
C VAL C 21 -13.20 8.01 -2.31
N ASN C 22 -13.60 8.39 -1.10
CA ASN C 22 -13.01 8.01 0.16
C ASN C 22 -14.07 7.74 1.26
N GLY C 23 -13.74 6.82 2.17
CA GLY C 23 -14.50 6.58 3.39
C GLY C 23 -13.55 6.27 4.55
N GLU C 24 -13.91 6.76 5.74
CA GLU C 24 -13.13 6.49 6.98
C GLU C 24 -14.03 6.15 8.14
N ALA C 25 -13.49 5.34 9.05
CA ALA C 25 -14.01 5.17 10.42
C ALA C 25 -12.83 5.01 11.38
N ILE C 26 -12.99 5.52 12.59
CA ILE C 26 -11.92 5.48 13.60
C ILE C 26 -12.40 4.74 14.84
N GLY C 28 -11.79 4.38 18.62
CA GLY C 28 -11.23 5.08 19.77
C GLY C 28 -10.38 4.19 20.65
N ALA C 29 -9.50 4.82 21.43
CA ALA C 29 -8.47 4.12 22.22
C ALA C 29 -8.99 3.04 23.17
N ASN C 30 -10.18 3.26 23.74
CA ASN C 30 -10.82 2.26 24.61
C ASN C 30 -10.99 0.90 23.95
N ILE C 31 -11.84 0.83 22.92
CA ILE C 31 -12.10 -0.44 22.22
C ILE C 31 -10.92 -0.99 21.41
N VAL C 32 -9.85 -0.21 21.32
CA VAL C 32 -8.60 -0.74 20.79
C VAL C 32 -7.81 -1.34 21.95
N ARG C 33 -7.45 -0.51 22.93
CA ARG C 33 -6.69 -0.95 24.10
C ARG C 33 -7.34 -2.16 24.78
N ASP C 34 -8.51 -1.96 25.39
CA ASP C 34 -9.17 -3.02 26.16
C ASP C 34 -10.11 -3.90 25.33
N LEU C 35 -9.65 -4.30 24.14
CA LEU C 35 -10.37 -5.27 23.30
C LEU C 35 -9.42 -6.06 22.39
N PHE C 36 -8.23 -5.52 22.16
CA PHE C 36 -7.13 -6.28 21.58
C PHE C 36 -6.22 -6.84 22.69
N ALA C 37 -6.50 -6.45 23.94
CA ALA C 37 -5.72 -6.86 25.11
C ALA C 37 -5.79 -8.37 25.41
N SER C 38 -6.92 -8.98 25.03
CA SER C 38 -7.20 -10.39 25.31
C SER C 38 -6.39 -11.39 24.47
N VAL C 39 -5.73 -10.89 23.43
CA VAL C 39 -4.93 -11.70 22.52
C VAL C 39 -3.73 -12.30 23.25
N ARG C 40 -3.54 -13.61 23.09
CA ARG C 40 -2.40 -14.31 23.69
C ARG C 40 -1.35 -14.71 22.65
N ASP C 41 -1.46 -15.92 22.11
CA ASP C 41 -0.49 -16.45 21.14
C ASP C 41 -0.66 -15.78 19.77
N VAL C 42 -1.39 -16.47 18.88
CA VAL C 42 -1.78 -15.93 17.57
C VAL C 42 -3.28 -16.19 17.45
N VAL C 43 -4.05 -15.12 17.37
CA VAL C 43 -5.51 -15.23 17.38
C VAL C 43 -6.11 -14.70 16.09
N GLY C 44 -6.89 -15.54 15.40
CA GLY C 44 -7.65 -15.11 14.23
C GLY C 44 -8.89 -14.34 14.61
N GLY C 45 -9.47 -13.65 13.62
CA GLY C 45 -10.66 -12.82 13.83
C GLY C 45 -11.92 -13.58 14.22
N ARG C 46 -12.36 -14.51 13.37
CA ARG C 46 -13.54 -15.35 13.65
C ARG C 46 -13.29 -16.43 14.71
N ALA C 47 -12.44 -16.09 15.68
CA ALA C 47 -12.19 -16.89 16.86
C ALA C 47 -11.83 -15.95 18.02
N GLY C 48 -11.42 -14.74 17.66
CA GLY C 48 -11.19 -13.66 18.62
C GLY C 48 -12.42 -12.78 18.79
N SER C 49 -12.40 -11.91 19.80
CA SER C 49 -13.52 -11.01 20.08
C SER C 49 -13.47 -9.73 19.25
N TYR C 50 -12.35 -9.52 18.55
CA TYR C 50 -12.03 -8.23 17.93
C TYR C 50 -12.56 -8.02 16.51
N GLU C 51 -12.94 -9.12 15.84
CA GLU C 51 -13.44 -9.04 14.46
C GLU C 51 -14.88 -8.55 14.44
N SER C 52 -15.32 -7.96 15.55
CA SER C 52 -16.64 -7.36 15.64
C SER C 52 -16.53 -5.87 15.34
N LYS C 53 -15.77 -5.15 16.15
CA LYS C 53 -15.69 -3.70 16.04
C LYS C 53 -14.75 -3.26 14.91
N LEU C 54 -13.78 -4.12 14.59
CA LEU C 54 -12.87 -3.86 13.49
C LEU C 54 -13.59 -3.94 12.14
N LYS C 55 -14.38 -4.98 11.97
CA LYS C 55 -15.23 -5.16 10.81
C LYS C 55 -16.29 -4.05 10.72
N GLU C 56 -16.89 -3.73 11.87
CA GLU C 56 -17.90 -2.68 11.99
C GLU C 56 -17.36 -1.36 11.47
N ALA C 57 -16.11 -1.06 11.85
CA ALA C 57 -15.39 0.10 11.36
C ALA C 57 -15.19 0.10 9.82
N ARG C 58 -14.79 -1.05 9.28
CA ARG C 58 -14.52 -1.21 7.85
C ARG C 58 -15.82 -0.96 7.08
N ASP C 59 -16.89 -1.58 7.56
CA ASP C 59 -18.24 -1.44 6.99
C ASP C 59 -18.75 0.01 6.97
N ILE C 60 -18.47 0.76 8.03
CA ILE C 60 -18.81 2.19 8.08
C ILE C 60 -17.99 3.00 7.05
N ALA C 61 -16.69 2.73 6.97
CA ALA C 61 -15.84 3.38 5.97
C ALA C 61 -16.31 3.09 4.53
N ASP C 63 -19.37 2.02 3.69
CA ASP C 63 -20.72 2.58 3.53
C ASP C 63 -20.64 4.06 3.26
N GLU C 64 -19.72 4.75 3.94
CA GLU C 64 -19.46 6.16 3.69
C GLU C 64 -19.02 6.38 2.24
N LYS C 66 -19.34 4.44 -0.48
CA LYS C 66 -20.45 4.11 -1.38
C LYS C 66 -21.50 5.20 -1.44
N GLU C 67 -21.83 5.78 -0.28
CA GLU C 67 -22.86 6.80 -0.20
C GLU C 67 -22.38 8.03 -0.95
N LEU C 68 -21.12 8.39 -0.76
CA LEU C 68 -20.52 9.51 -1.49
C LEU C 68 -20.48 9.31 -3.02
N ALA C 69 -20.17 8.10 -3.47
CA ALA C 69 -20.19 7.77 -4.90
C ALA C 69 -21.59 7.93 -5.50
N LYS C 70 -22.59 7.43 -4.78
CA LYS C 70 -24.01 7.60 -5.10
C LYS C 70 -24.40 9.09 -5.25
N GLN C 71 -24.01 9.94 -4.30
CA GLN C 71 -24.26 11.39 -4.40
C GLN C 71 -23.57 12.04 -5.59
N LYS C 72 -22.46 11.46 -6.04
CA LYS C 72 -21.74 12.00 -7.19
C LYS C 72 -22.29 11.48 -8.52
N GLY C 73 -23.28 10.59 -8.43
CA GLY C 73 -23.93 10.01 -9.60
C GLY C 73 -23.32 8.69 -10.08
N ALA C 74 -22.46 8.10 -9.26
CA ALA C 74 -21.77 6.87 -9.64
C ALA C 74 -22.67 5.69 -9.36
N ASN C 75 -22.48 4.63 -10.14
CA ASN C 75 -23.18 3.39 -9.87
C ASN C 75 -22.23 2.19 -9.68
N ALA C 76 -20.92 2.45 -9.62
CA ALA C 76 -19.92 1.45 -9.23
C ALA C 76 -18.64 2.10 -8.71
N ILE C 77 -17.83 1.34 -7.97
CA ILE C 77 -16.52 1.82 -7.50
C ILE C 77 -15.43 0.78 -7.85
N VAL C 78 -14.39 1.26 -8.53
CA VAL C 78 -13.32 0.43 -9.06
C VAL C 78 -11.98 0.95 -8.50
N GLY C 79 -10.93 0.13 -8.59
CA GLY C 79 -9.62 0.41 -7.96
C GLY C 79 -9.70 0.76 -6.49
N VAL C 80 -10.36 -0.09 -5.71
CA VAL C 80 -10.58 0.17 -4.29
C VAL C 80 -9.38 -0.24 -3.45
N ASP C 81 -9.10 0.54 -2.41
CA ASP C 81 -8.00 0.29 -1.51
C ASP C 81 -8.49 0.31 -0.07
N VAL C 82 -8.03 -0.66 0.71
CA VAL C 82 -8.29 -0.72 2.15
C VAL C 82 -6.99 -0.46 2.89
N ASP C 83 -6.97 0.62 3.66
CA ASP C 83 -5.81 1.03 4.41
C ASP C 83 -6.14 1.06 5.91
N TYR C 84 -5.11 0.88 6.73
CA TYR C 84 -5.20 1.00 8.17
C TYR C 84 -4.11 1.95 8.65
N GLU C 85 -4.49 2.89 9.52
CA GLU C 85 -3.51 3.78 10.16
C GLU C 85 -3.74 3.85 11.65
N VAL C 86 -2.66 3.66 12.42
CA VAL C 86 -2.69 3.99 13.84
C VAL C 86 -2.48 5.49 13.95
N VAL C 87 -3.50 6.18 14.47
CA VAL C 87 -3.58 7.63 14.36
C VAL C 87 -2.98 8.38 15.57
N ARG C 88 -3.03 7.77 16.75
CA ARG C 88 -2.53 8.38 17.98
C ARG C 88 -2.02 7.34 18.98
N ASP C 89 -2.41 7.50 20.25
CA ASP C 89 -2.07 6.53 21.29
C ASP C 89 -3.06 5.36 21.26
N GLY C 90 -2.79 4.40 20.39
CA GLY C 90 -3.63 3.20 20.25
C GLY C 90 -4.96 3.43 19.56
N LEU C 92 -7.00 3.21 15.96
CA LEU C 92 -7.00 2.64 14.62
C LEU C 92 -8.07 3.25 13.70
N VAL C 94 -9.58 2.94 9.84
CA VAL C 94 -9.67 2.28 8.54
C VAL C 94 -10.11 3.32 7.50
N ALA C 95 -9.24 3.54 6.53
CA ALA C 95 -9.51 4.43 5.39
C ALA C 95 -9.63 3.63 4.10
N VAL C 96 -10.75 3.78 3.42
CA VAL C 96 -10.93 3.17 2.10
C VAL C 96 -10.96 4.22 1.00
N SER C 97 -10.51 3.83 -0.19
CA SER C 97 -10.52 4.71 -1.36
C SER C 97 -10.85 3.93 -2.62
N GLY C 98 -11.20 4.63 -3.69
CA GLY C 98 -11.59 4.00 -4.95
C GLY C 98 -12.02 5.08 -5.92
N THR C 99 -12.27 4.70 -7.17
CA THR C 99 -12.75 5.65 -8.17
C THR C 99 -14.25 5.49 -8.41
N ALA C 100 -15.01 6.53 -8.10
CA ALA C 100 -16.45 6.59 -8.41
C ALA C 100 -16.66 6.64 -9.95
N VAL C 101 -17.37 5.64 -10.46
CA VAL C 101 -17.44 5.41 -11.88
C VAL C 101 -18.92 5.22 -12.32
N ARG C 102 -19.21 5.59 -13.57
CA ARG C 102 -20.50 5.27 -14.22
C ARG C 102 -20.36 4.12 -15.24
N ILE C 103 -21.07 3.02 -15.00
CA ILE C 103 -21.06 1.86 -15.92
C ILE C 103 -22.39 1.69 -16.68
N ILE D 2 11.29 -15.16 -13.32
CA ILE D 2 10.59 -13.88 -13.50
C ILE D 2 9.76 -13.47 -12.29
N VAL D 3 10.14 -12.34 -11.71
CA VAL D 3 9.39 -11.67 -10.64
C VAL D 3 9.01 -10.28 -11.11
N THR D 4 7.71 -9.97 -11.06
CA THR D 4 7.22 -8.67 -11.51
C THR D 4 6.12 -8.08 -10.61
N THR D 5 6.21 -6.76 -10.39
CA THR D 5 5.18 -6.02 -9.68
C THR D 5 3.92 -5.83 -10.54
N THR D 6 3.96 -6.33 -11.78
CA THR D 6 2.84 -6.31 -12.73
C THR D 6 1.91 -7.53 -12.60
N SER D 7 0.68 -7.39 -13.10
CA SER D 7 -0.32 -8.45 -12.97
C SER D 7 -0.12 -9.61 -13.93
N GLY D 8 0.70 -9.40 -14.97
CA GLY D 8 0.95 -10.46 -15.93
C GLY D 8 2.31 -10.43 -16.55
N ILE D 9 2.60 -11.46 -17.34
CA ILE D 9 3.81 -11.55 -18.16
C ILE D 9 3.41 -11.48 -19.63
N GLN D 10 3.52 -10.28 -20.20
CA GLN D 10 3.11 -10.04 -21.59
C GLN D 10 3.62 -11.12 -22.54
N GLY D 11 2.73 -11.56 -23.45
CA GLY D 11 3.08 -12.58 -24.44
C GLY D 11 3.11 -14.02 -23.93
N LYS D 12 3.08 -14.20 -22.61
CA LYS D 12 3.00 -15.52 -22.02
C LYS D 12 1.73 -15.66 -21.21
N GLU D 13 1.24 -16.89 -21.14
CA GLU D 13 -0.05 -17.17 -20.54
C GLU D 13 0.15 -17.83 -19.19
N ILE D 14 -0.60 -17.37 -18.19
CA ILE D 14 -0.55 -17.99 -16.87
C ILE D 14 -1.48 -19.22 -16.86
N ILE D 15 -0.89 -20.38 -16.57
CA ILE D 15 -1.60 -21.67 -16.55
C ILE D 15 -2.20 -21.94 -15.17
N GLU D 16 -1.43 -21.65 -14.13
CA GLU D 16 -1.90 -21.87 -12.78
C GLU D 16 -1.50 -20.72 -11.86
N TYR D 17 -2.45 -20.28 -11.05
CA TYR D 17 -2.17 -19.40 -9.92
C TYR D 17 -2.02 -20.34 -8.75
N ILE D 18 -0.78 -20.62 -8.37
CA ILE D 18 -0.49 -21.68 -7.41
C ILE D 18 -0.77 -21.27 -5.97
N ASP D 19 -0.18 -20.15 -5.54
CA ASP D 19 -0.38 -19.63 -4.20
C ASP D 19 0.18 -18.22 -4.08
N ILE D 20 -0.25 -17.50 -3.05
CA ILE D 20 0.40 -16.25 -2.67
C ILE D 20 1.61 -16.58 -1.80
N VAL D 21 2.78 -16.08 -2.21
CA VAL D 21 4.04 -16.33 -1.50
C VAL D 21 4.60 -15.06 -0.86
N ASN D 22 5.46 -15.25 0.15
CA ASN D 22 6.01 -14.18 0.97
C ASN D 22 7.48 -14.46 1.35
N GLY D 23 8.24 -13.39 1.55
CA GLY D 23 9.56 -13.44 2.19
C GLY D 23 9.69 -12.22 3.12
N GLU D 24 10.43 -12.37 4.20
CA GLU D 24 10.73 -11.27 5.12
C GLU D 24 12.22 -11.25 5.44
N ALA D 25 12.67 -10.11 5.95
CA ALA D 25 13.95 -9.98 6.64
C ALA D 25 13.82 -8.85 7.64
N ILE D 26 14.35 -9.05 8.85
CA ILE D 26 14.24 -8.07 9.94
C ILE D 26 15.60 -7.46 10.26
N GLY D 28 17.77 -5.37 13.05
CA GLY D 28 17.86 -5.10 14.48
C GLY D 28 17.84 -3.65 14.90
N ALA D 29 17.43 -3.40 16.15
CA ALA D 29 17.39 -2.06 16.74
C ALA D 29 18.72 -1.29 16.69
N ASN D 30 19.85 -2.00 16.87
CA ASN D 30 21.20 -1.43 16.78
C ASN D 30 21.55 -0.95 15.38
N ILE D 31 21.30 -1.81 14.40
CA ILE D 31 21.53 -1.52 12.98
C ILE D 31 20.71 -0.32 12.50
N VAL D 32 19.44 -0.28 12.88
CA VAL D 32 18.59 0.86 12.55
C VAL D 32 19.10 2.13 13.27
N ARG D 33 19.47 1.96 14.54
CA ARG D 33 20.07 3.02 15.34
C ARG D 33 21.30 3.61 14.64
N ASP D 34 22.34 2.79 14.51
CA ASP D 34 23.64 3.20 13.97
C ASP D 34 23.59 3.74 12.54
N LEU D 35 22.86 3.07 11.66
CA LEU D 35 22.88 3.38 10.21
C LEU D 35 21.74 4.27 9.72
N PHE D 36 20.52 4.00 10.20
CA PHE D 36 19.32 4.69 9.72
C PHE D 36 19.08 5.98 10.46
N ALA D 37 19.09 5.90 11.78
CA ALA D 37 18.79 7.05 12.65
C ALA D 37 19.95 8.01 12.79
N SER D 38 21.08 7.69 12.16
CA SER D 38 22.19 8.63 12.07
C SER D 38 21.88 9.77 11.08
N VAL D 39 21.30 9.45 9.93
CA VAL D 39 20.98 10.45 8.91
C VAL D 39 20.54 11.76 9.55
N ARG D 40 21.14 12.86 9.10
CA ARG D 40 20.88 14.16 9.69
C ARG D 40 20.01 15.05 8.83
N ASP D 41 20.25 15.04 7.52
CA ASP D 41 19.49 15.86 6.61
C ASP D 41 18.68 14.95 5.66
N VAL D 42 19.12 14.87 4.41
CA VAL D 42 18.53 13.99 3.41
C VAL D 42 19.65 13.17 2.81
N VAL D 43 19.58 11.85 2.98
CA VAL D 43 20.60 10.96 2.45
C VAL D 43 19.96 9.87 1.59
N GLY D 44 20.31 9.86 0.31
CA GLY D 44 19.83 8.83 -0.60
C GLY D 44 20.57 7.52 -0.46
N GLY D 45 20.12 6.53 -1.22
CA GLY D 45 20.58 5.16 -1.07
C GLY D 45 22.00 4.92 -1.54
N ARG D 46 22.40 5.61 -2.59
CA ARG D 46 23.78 5.49 -3.09
C ARG D 46 24.80 6.00 -2.03
N ALA D 47 24.46 7.09 -1.34
CA ALA D 47 25.36 7.75 -0.39
C ALA D 47 25.25 7.25 1.05
N GLY D 48 24.11 6.65 1.42
CA GLY D 48 23.91 6.18 2.79
C GLY D 48 24.39 4.77 3.03
N SER D 49 25.09 4.56 4.14
CA SER D 49 25.57 3.21 4.51
C SER D 49 24.40 2.29 4.93
N TYR D 50 23.26 2.90 5.23
CA TYR D 50 22.03 2.17 5.51
C TYR D 50 21.58 1.26 4.36
N GLU D 51 22.00 1.59 3.13
CA GLU D 51 21.47 0.96 1.94
C GLU D 51 21.91 -0.47 1.74
N SER D 52 23.21 -0.72 1.90
CA SER D 52 23.76 -2.05 1.66
C SER D 52 23.01 -3.07 2.49
N LYS D 53 22.62 -2.65 3.69
CA LYS D 53 21.88 -3.46 4.64
C LYS D 53 20.40 -3.58 4.27
N LEU D 54 19.78 -2.44 3.94
CA LEU D 54 18.40 -2.45 3.46
C LEU D 54 18.30 -3.33 2.21
N LYS D 55 19.22 -3.14 1.26
CA LYS D 55 19.29 -4.03 0.09
C LYS D 55 19.57 -5.47 0.45
N GLU D 56 20.51 -5.71 1.37
CA GLU D 56 20.75 -7.08 1.85
C GLU D 56 19.47 -7.73 2.37
N ALA D 57 18.81 -7.05 3.32
CA ALA D 57 17.54 -7.50 3.88
C ALA D 57 16.47 -7.74 2.82
N ARG D 58 16.30 -6.77 1.93
CA ARG D 58 15.33 -6.86 0.84
C ARG D 58 15.63 -8.00 -0.09
N ASP D 59 16.93 -8.24 -0.37
CA ASP D 59 17.35 -9.35 -1.22
C ASP D 59 17.13 -10.71 -0.54
N ILE D 60 17.40 -10.79 0.76
CA ILE D 60 17.01 -11.96 1.56
C ILE D 60 15.50 -12.26 1.47
N ALA D 61 14.66 -11.22 1.57
CA ALA D 61 13.20 -11.40 1.50
C ALA D 61 12.78 -11.91 0.12
N ASP D 63 14.66 -13.43 -2.20
CA ASP D 63 15.18 -14.78 -2.42
C ASP D 63 14.38 -15.84 -1.68
N GLU D 64 13.94 -15.52 -0.46
CA GLU D 64 13.08 -16.43 0.33
C GLU D 64 11.73 -16.70 -0.34
N LYS D 66 11.10 -16.25 -3.75
CA LYS D 66 11.45 -16.95 -5.00
C LYS D 66 11.62 -18.47 -4.79
N GLU D 67 12.42 -18.83 -3.78
CA GLU D 67 12.64 -20.24 -3.43
C GLU D 67 11.37 -20.95 -2.99
N LEU D 68 10.53 -20.26 -2.22
CA LEU D 68 9.25 -20.82 -1.77
C LEU D 68 8.30 -21.04 -2.95
N ALA D 69 8.40 -20.19 -3.95
CA ALA D 69 7.62 -20.33 -5.18
C ALA D 69 8.21 -21.46 -6.03
N LYS D 70 9.53 -21.59 -5.96
CA LYS D 70 10.26 -22.66 -6.62
C LYS D 70 9.81 -24.01 -6.06
N GLN D 71 9.79 -24.12 -4.73
CA GLN D 71 9.28 -25.28 -4.00
C GLN D 71 7.94 -25.75 -4.57
N LYS D 72 7.03 -24.80 -4.79
CA LYS D 72 5.67 -25.08 -5.26
C LYS D 72 5.61 -25.35 -6.77
N GLY D 73 6.76 -25.31 -7.44
CA GLY D 73 6.84 -25.63 -8.86
C GLY D 73 6.45 -24.51 -9.79
N ALA D 74 6.26 -23.32 -9.23
CA ALA D 74 5.97 -22.12 -10.03
C ALA D 74 7.21 -21.72 -10.80
N ASN D 75 7.00 -21.01 -11.92
CA ASN D 75 8.11 -20.48 -12.69
C ASN D 75 7.98 -18.97 -12.93
N ALA D 76 7.07 -18.35 -12.18
CA ALA D 76 6.88 -16.91 -12.21
C ALA D 76 6.30 -16.39 -10.89
N ILE D 77 6.68 -15.18 -10.52
CA ILE D 77 5.98 -14.46 -9.45
C ILE D 77 5.46 -13.12 -9.99
N VAL D 78 4.14 -12.94 -9.88
CA VAL D 78 3.46 -11.75 -10.40
C VAL D 78 2.73 -11.02 -9.28
N GLY D 79 2.35 -9.77 -9.54
CA GLY D 79 1.67 -8.93 -8.56
C GLY D 79 2.50 -8.76 -7.31
N VAL D 80 3.79 -8.51 -7.50
CA VAL D 80 4.73 -8.38 -6.39
C VAL D 80 4.63 -7.03 -5.73
N ASP D 81 4.70 -7.07 -4.40
CA ASP D 81 4.62 -5.88 -3.59
C ASP D 81 5.76 -5.87 -2.56
N VAL D 82 6.37 -4.70 -2.39
CA VAL D 82 7.42 -4.51 -1.38
C VAL D 82 6.91 -3.61 -0.26
N ASP D 83 7.02 -4.09 0.99
CA ASP D 83 6.53 -3.38 2.16
C ASP D 83 7.61 -3.21 3.23
N TYR D 84 7.54 -2.13 4.02
CA TYR D 84 8.42 -1.90 5.15
C TYR D 84 7.60 -1.60 6.40
N GLU D 85 7.98 -2.21 7.53
CA GLU D 85 7.24 -2.03 8.78
C GLU D 85 8.17 -1.89 9.96
N VAL D 86 7.86 -0.92 10.83
CA VAL D 86 8.48 -0.87 12.16
C VAL D 86 7.75 -1.91 13.01
N VAL D 87 8.44 -3.03 13.27
CA VAL D 87 7.80 -4.22 13.86
C VAL D 87 7.96 -4.27 15.39
N ARG D 88 9.06 -3.72 15.88
CA ARG D 88 9.27 -3.53 17.30
C ARG D 88 9.93 -2.16 17.46
N ASP D 89 9.82 -1.60 18.68
CA ASP D 89 10.51 -0.37 19.05
C ASP D 89 11.96 -0.37 18.52
N GLY D 90 12.17 0.32 17.40
CA GLY D 90 13.50 0.46 16.82
C GLY D 90 13.90 -0.52 15.73
N LEU D 92 13.23 -2.79 12.04
CA LEU D 92 12.67 -2.62 10.69
C LEU D 92 12.53 -3.93 9.92
N VAL D 94 11.41 -5.69 6.30
CA VAL D 94 11.01 -5.65 4.90
C VAL D 94 10.24 -6.94 4.61
N ALA D 95 8.98 -6.80 4.18
CA ALA D 95 8.17 -7.94 3.81
C ALA D 95 7.79 -7.83 2.35
N VAL D 96 8.05 -8.91 1.61
CA VAL D 96 7.68 -8.99 0.20
C VAL D 96 6.60 -10.04 0.00
N SER D 97 5.69 -9.79 -0.95
CA SER D 97 4.63 -10.73 -1.27
C SER D 97 4.41 -10.76 -2.79
N GLY D 98 3.73 -11.78 -3.27
CA GLY D 98 3.43 -11.93 -4.68
C GLY D 98 2.65 -13.20 -4.97
N THR D 99 2.35 -13.44 -6.24
CA THR D 99 1.61 -14.65 -6.58
C THR D 99 2.46 -15.62 -7.40
N ALA D 100 2.79 -16.74 -6.79
CA ALA D 100 3.49 -17.85 -7.43
C ALA D 100 2.63 -18.49 -8.52
N VAL D 101 3.17 -18.53 -9.72
CA VAL D 101 2.40 -18.75 -10.92
C VAL D 101 3.17 -19.62 -11.93
N ARG D 102 2.44 -20.40 -12.73
CA ARG D 102 3.07 -21.14 -13.83
C ARG D 102 2.69 -20.53 -15.17
N ILE D 103 3.69 -20.03 -15.90
CA ILE D 103 3.48 -19.47 -17.23
C ILE D 103 3.71 -20.49 -18.34
N ILE E 2 10.88 6.45 -19.36
CA ILE E 2 9.47 6.25 -19.04
C ILE E 2 9.30 5.52 -17.70
N VAL E 3 8.68 6.21 -16.75
CA VAL E 3 8.28 5.61 -15.47
C VAL E 3 6.77 5.75 -15.30
N THR E 4 6.13 4.69 -14.85
CA THR E 4 4.68 4.70 -14.68
C THR E 4 4.21 3.84 -13.51
N THR E 5 3.24 4.36 -12.74
CA THR E 5 2.62 3.61 -11.64
C THR E 5 1.65 2.56 -12.15
N THR E 6 1.60 2.42 -13.48
CA THR E 6 0.68 1.49 -14.13
C THR E 6 1.39 0.21 -14.51
N SER E 7 0.61 -0.86 -14.60
CA SER E 7 1.10 -2.22 -14.83
C SER E 7 1.65 -2.40 -16.24
N GLY E 8 1.38 -1.46 -17.14
CA GLY E 8 1.87 -1.57 -18.52
C GLY E 8 2.00 -0.25 -19.26
N ILE E 9 2.53 -0.33 -20.47
CA ILE E 9 2.61 0.82 -21.39
C ILE E 9 1.85 0.47 -22.66
N GLN E 10 0.88 1.31 -23.00
CA GLN E 10 -0.04 1.05 -24.12
C GLN E 10 0.62 1.30 -25.47
N GLY E 11 0.52 0.31 -26.35
CA GLY E 11 1.06 0.42 -27.71
C GLY E 11 2.51 -0.03 -27.84
N LYS E 12 3.19 -0.13 -26.70
CA LYS E 12 4.54 -0.67 -26.64
C LYS E 12 4.55 -1.81 -25.65
N GLU E 13 4.39 -3.03 -26.15
CA GLU E 13 4.36 -4.24 -25.30
C GLU E 13 5.75 -4.58 -24.73
N ILE E 14 5.76 -5.35 -23.65
CA ILE E 14 7.00 -5.60 -22.88
C ILE E 14 7.79 -6.79 -23.41
N ILE E 15 9.00 -6.50 -23.90
CA ILE E 15 9.88 -7.55 -24.44
C ILE E 15 10.55 -8.39 -23.33
N GLU E 16 11.07 -7.72 -22.29
CA GLU E 16 11.74 -8.41 -21.19
C GLU E 16 11.45 -7.82 -19.80
N TYR E 17 11.12 -8.70 -18.86
CA TYR E 17 11.03 -8.36 -17.45
C TYR E 17 12.38 -8.59 -16.79
N ILE E 18 13.10 -7.51 -16.54
CA ILE E 18 14.48 -7.57 -16.08
C ILE E 18 14.54 -7.86 -14.55
N ASP E 19 14.21 -6.88 -13.72
CA ASP E 19 14.18 -7.08 -12.28
C ASP E 19 13.29 -6.06 -11.59
N ILE E 20 12.98 -6.32 -10.32
CA ILE E 20 12.38 -5.32 -9.46
C ILE E 20 13.49 -4.36 -9.02
N VAL E 21 13.29 -3.09 -9.33
CA VAL E 21 14.23 -2.04 -8.94
C VAL E 21 13.65 -1.23 -7.79
N ASN E 22 14.56 -0.62 -7.01
CA ASN E 22 14.22 0.19 -5.86
C ASN E 22 15.12 1.43 -5.77
N GLY E 23 14.64 2.43 -5.04
CA GLY E 23 15.42 3.58 -4.66
C GLY E 23 14.85 4.13 -3.37
N GLU E 24 15.70 4.77 -2.56
CA GLU E 24 15.27 5.36 -1.29
C GLU E 24 16.03 6.64 -0.96
N ALA E 25 15.55 7.33 0.07
CA ALA E 25 16.19 8.49 0.67
C ALA E 25 15.54 8.70 2.03
N ILE E 26 16.35 9.03 3.02
CA ILE E 26 15.88 9.24 4.38
C ILE E 26 15.98 10.71 4.79
N GLY E 28 16.25 13.02 7.95
CA GLY E 28 16.67 12.93 9.35
C GLY E 28 15.66 13.48 10.34
N ALA E 29 15.69 12.94 11.56
CA ALA E 29 14.81 13.34 12.65
C ALA E 29 14.82 14.85 12.90
N ASN E 30 16.00 15.40 13.10
CA ASN E 30 16.19 16.85 13.06
C ASN E 30 16.12 17.25 11.59
N ILE E 31 15.01 17.92 11.25
CA ILE E 31 14.58 18.27 9.88
C ILE E 31 13.12 17.83 9.72
N VAL E 32 12.84 16.57 10.06
CA VAL E 32 11.46 16.06 10.12
C VAL E 32 10.72 16.72 11.28
N ARG E 33 11.31 16.67 12.47
CA ARG E 33 10.76 17.37 13.64
C ARG E 33 10.81 18.88 13.43
N ASP E 34 11.77 19.33 12.65
CA ASP E 34 12.00 20.76 12.42
C ASP E 34 10.98 21.37 11.45
N LEU E 35 10.89 20.82 10.25
CA LEU E 35 10.11 21.44 9.17
C LEU E 35 8.70 20.88 9.04
N PHE E 36 8.51 19.62 9.44
CA PHE E 36 7.20 18.95 9.36
C PHE E 36 6.32 19.27 10.58
N ALA E 37 6.96 19.67 11.67
CA ALA E 37 6.26 20.07 12.89
C ALA E 37 5.60 21.45 12.74
N SER E 38 5.98 22.15 11.67
CA SER E 38 5.33 23.41 11.28
C SER E 38 3.87 23.15 10.87
N VAL E 39 3.13 24.19 10.50
CA VAL E 39 1.68 24.12 10.20
C VAL E 39 0.90 24.03 11.51
N ARG E 40 -0.03 24.97 11.71
CA ARG E 40 -0.83 25.02 12.93
C ARG E 40 -2.25 24.55 12.70
N ASP E 41 -2.60 24.36 11.43
CA ASP E 41 -3.93 23.88 11.01
C ASP E 41 -3.77 22.85 9.88
N VAL E 42 -3.99 23.29 8.65
CA VAL E 42 -3.84 22.44 7.46
C VAL E 42 -3.13 23.24 6.38
N VAL E 43 -1.94 22.80 6.01
CA VAL E 43 -1.12 23.46 5.00
C VAL E 43 -0.59 22.45 3.98
N GLY E 44 -0.72 22.77 2.70
CA GLY E 44 -0.25 21.90 1.62
C GLY E 44 1.24 21.99 1.34
N GLY E 45 1.72 21.16 0.42
CA GLY E 45 3.12 21.18 -0.01
C GLY E 45 3.38 22.37 -0.92
N ARG E 46 2.40 22.67 -1.76
CA ARG E 46 2.33 23.86 -2.60
C ARG E 46 2.75 25.16 -1.90
N ALA E 47 2.20 25.38 -0.70
CA ALA E 47 2.51 26.56 0.11
C ALA E 47 2.99 26.19 1.50
N GLY E 48 4.11 25.46 1.56
CA GLY E 48 4.67 24.98 2.83
C GLY E 48 6.16 25.24 2.99
N SER E 49 6.83 24.34 3.70
CA SER E 49 8.28 24.40 3.94
C SER E 49 8.87 23.00 3.97
N TYR E 50 8.00 22.04 4.28
CA TYR E 50 8.39 20.63 4.42
C TYR E 50 8.48 19.91 3.08
N GLU E 51 7.68 20.38 2.10
CA GLU E 51 7.60 19.76 0.78
C GLU E 51 8.95 19.75 0.08
N SER E 52 9.59 20.92 0.03
CA SER E 52 10.92 21.09 -0.56
C SER E 52 11.87 19.94 -0.17
N LYS E 53 11.90 19.59 1.11
CA LYS E 53 12.73 18.49 1.59
C LYS E 53 12.17 17.10 1.23
N LEU E 54 10.85 16.94 1.34
CA LEU E 54 10.17 15.71 0.94
C LEU E 54 10.34 15.43 -0.55
N LYS E 55 10.10 16.45 -1.38
CA LYS E 55 10.33 16.37 -2.82
C LYS E 55 11.80 16.11 -3.15
N GLU E 56 12.73 16.69 -2.39
CA GLU E 56 14.16 16.42 -2.58
C GLU E 56 14.46 14.93 -2.34
N ALA E 57 13.88 14.38 -1.27
CA ALA E 57 14.03 12.97 -0.91
C ALA E 57 13.40 12.03 -1.94
N ARG E 58 12.20 12.38 -2.40
CA ARG E 58 11.45 11.57 -3.32
C ARG E 58 12.16 11.50 -4.65
N ASP E 59 12.66 12.64 -5.12
CA ASP E 59 13.42 12.74 -6.36
C ASP E 59 14.75 11.97 -6.34
N ILE E 60 15.39 11.91 -5.16
CA ILE E 60 16.63 11.13 -4.99
C ILE E 60 16.34 9.66 -5.16
N ALA E 61 15.32 9.19 -4.44
CA ALA E 61 14.85 7.82 -4.53
C ALA E 61 14.48 7.42 -5.96
N ASP E 63 15.53 9.01 -8.87
CA ASP E 63 16.80 9.00 -9.62
C ASP E 63 17.58 7.71 -9.40
N GLU E 64 17.66 7.27 -8.14
CA GLU E 64 18.38 6.03 -7.80
C GLU E 64 17.79 4.83 -8.52
N LYS E 66 15.80 4.81 -11.28
CA LYS E 66 15.99 4.93 -12.72
C LYS E 66 17.43 4.60 -13.13
N GLU E 67 18.41 5.09 -12.36
CA GLU E 67 19.82 4.77 -12.59
C GLU E 67 20.07 3.28 -12.53
N LEU E 68 19.55 2.61 -11.50
CA LEU E 68 19.71 1.17 -11.38
C LEU E 68 19.07 0.42 -12.54
N ALA E 69 17.90 0.86 -12.99
CA ALA E 69 17.22 0.30 -14.15
C ALA E 69 18.02 0.51 -15.45
N LYS E 70 18.52 1.72 -15.66
CA LYS E 70 19.50 2.03 -16.71
C LYS E 70 20.60 0.97 -16.75
N GLN E 71 21.28 0.82 -15.61
CA GLN E 71 22.42 -0.09 -15.46
C GLN E 71 22.05 -1.49 -15.89
N LYS E 72 20.84 -1.92 -15.55
CA LYS E 72 20.35 -3.25 -15.85
C LYS E 72 19.91 -3.41 -17.31
N GLY E 73 19.97 -2.31 -18.07
CA GLY E 73 19.62 -2.31 -19.50
C GLY E 73 18.16 -2.01 -19.80
N ALA E 74 17.41 -1.63 -18.76
CA ALA E 74 16.01 -1.27 -18.89
C ALA E 74 15.85 0.04 -19.63
N ASN E 75 14.72 0.20 -20.31
CA ASN E 75 14.40 1.48 -20.93
C ASN E 75 13.01 2.00 -20.55
N ALA E 76 12.40 1.32 -19.58
CA ALA E 76 11.15 1.74 -18.93
C ALA E 76 11.06 1.11 -17.55
N ILE E 77 10.33 1.76 -16.62
CA ILE E 77 9.90 1.13 -15.38
C ILE E 77 8.37 1.22 -15.23
N VAL E 78 7.75 0.06 -15.05
CA VAL E 78 6.30 -0.05 -14.87
C VAL E 78 5.93 -0.55 -13.46
N GLY E 79 4.65 -0.46 -13.12
CA GLY E 79 4.13 -0.95 -11.85
C GLY E 79 4.83 -0.29 -10.69
N VAL E 80 5.01 1.02 -10.79
CA VAL E 80 5.78 1.81 -9.82
C VAL E 80 4.93 2.13 -8.62
N ASP E 81 5.53 1.97 -7.44
CA ASP E 81 4.94 2.30 -6.16
C ASP E 81 5.83 3.32 -5.45
N VAL E 82 5.20 4.36 -4.89
CA VAL E 82 5.84 5.34 -4.02
C VAL E 82 5.29 5.15 -2.61
N ASP E 83 6.09 4.63 -1.69
CA ASP E 83 5.63 4.62 -0.31
C ASP E 83 6.50 5.39 0.70
N TYR E 84 5.96 5.61 1.89
CA TYR E 84 6.61 6.41 2.92
C TYR E 84 6.63 5.62 4.21
N GLU E 85 7.74 5.73 4.94
CA GLU E 85 7.97 4.94 6.13
C GLU E 85 8.51 5.80 7.25
N VAL E 86 7.75 5.91 8.34
CA VAL E 86 8.22 6.59 9.53
C VAL E 86 9.11 5.62 10.29
N VAL E 87 10.41 5.61 9.94
CA VAL E 87 11.35 4.60 10.45
C VAL E 87 11.71 4.71 11.95
N ARG E 88 11.60 5.90 12.50
CA ARG E 88 11.80 6.11 13.94
C ARG E 88 10.66 7.03 14.42
N ASP E 89 10.82 7.70 15.56
CA ASP E 89 9.92 8.81 15.89
C ASP E 89 10.16 9.85 14.81
N GLY E 90 11.44 10.21 14.63
CA GLY E 90 11.86 11.16 13.64
C GLY E 90 11.72 10.69 12.20
N LEU E 92 11.64 10.00 8.26
CA LEU E 92 10.78 9.52 7.20
C LEU E 92 11.68 8.99 6.08
N VAL E 94 11.41 7.74 2.22
CA VAL E 94 10.66 7.54 1.00
C VAL E 94 11.25 6.34 0.25
N ALA E 95 10.43 5.34 -0.05
CA ALA E 95 10.87 4.19 -0.82
C ALA E 95 10.08 4.05 -2.12
N VAL E 96 10.80 3.91 -3.23
CA VAL E 96 10.20 3.67 -4.53
C VAL E 96 10.56 2.25 -5.01
N SER E 97 9.58 1.57 -5.58
CA SER E 97 9.77 0.24 -6.19
C SER E 97 9.08 0.22 -7.54
N GLY E 98 9.47 -0.72 -8.38
CA GLY E 98 8.90 -0.84 -9.72
C GLY E 98 9.63 -1.92 -10.46
N THR E 99 9.14 -2.25 -11.66
CA THR E 99 9.71 -3.35 -12.45
C THR E 99 10.45 -2.79 -13.67
N ALA E 100 11.77 -2.97 -13.66
CA ALA E 100 12.64 -2.58 -14.77
C ALA E 100 12.32 -3.42 -15.99
N VAL E 101 11.97 -2.73 -17.07
CA VAL E 101 11.39 -3.36 -18.25
C VAL E 101 12.09 -2.85 -19.51
N ARG E 102 12.22 -3.71 -20.53
CA ARG E 102 12.58 -3.25 -21.86
C ARG E 102 11.44 -3.42 -22.87
N ILE E 103 11.06 -2.30 -23.50
CA ILE E 103 10.05 -2.29 -24.55
C ILE E 103 10.63 -1.97 -25.93
#